data_6JBO
#
_entry.id   6JBO
#
_cell.length_a   52.833
_cell.length_b   97.509
_cell.length_c   104.906
_cell.angle_alpha   90.00
_cell.angle_beta   90.00
_cell.angle_gamma   90.00
#
_symmetry.space_group_name_H-M   'P 21 21 21'
#
loop_
_entity.id
_entity.type
_entity.pdbx_description
1 polymer 'Alginate-binding protein'
2 non-polymer 1,2-ETHANEDIOL
3 non-polymer 'CITRIC ACID'
4 water water
#
_entity_poly.entity_id   1
_entity_poly.type   'polypeptide(L)'
_entity_poly.pdbx_seq_one_letter_code
;VAPLDLVQPISDYKIYVSENLQTLVRDTREFTNAVKAGDVAKAKKLFASTRMSYERIEPIAELFSDLDASIDSRADDHEK
AEKDPAFFGFHRIEYGLFAQNSAKGLAPVADKLMADVLELQKRIRGLTFPPEKVVGGAAVLMEEVAATKISGEEDRYSHT
DLWDFQANFEGAKKIVDLFRPLVVKDNRAFADKVDANFDTVFKTLAKYRTADGGFELYGKLSERDRKVLAGRVNTLAEDL
SKMRGLLGLDL
;
_entity_poly.pdbx_strand_id   A,B
#
# COMPACT_ATOMS: atom_id res chain seq x y z
N VAL A 1 9.47 22.60 -19.18
CA VAL A 1 8.85 22.57 -17.86
C VAL A 1 8.95 23.94 -17.20
N ALA A 2 7.86 24.44 -16.64
CA ALA A 2 7.82 25.71 -15.93
C ALA A 2 7.31 25.52 -14.50
N PRO A 3 7.63 26.45 -13.59
CA PRO A 3 7.14 26.31 -12.21
C PRO A 3 5.64 26.11 -12.08
N LEU A 4 4.82 26.68 -12.96
CA LEU A 4 3.39 26.40 -12.88
C LEU A 4 3.09 24.93 -13.07
N ASP A 5 3.86 24.26 -13.94
CA ASP A 5 3.65 22.84 -14.15
C ASP A 5 3.85 22.02 -12.89
N LEU A 6 4.64 22.53 -11.96
CA LEU A 6 4.94 21.79 -10.74
C LEU A 6 3.93 22.03 -9.62
N VAL A 7 2.98 22.97 -9.79
CA VAL A 7 2.10 23.34 -8.68
C VAL A 7 1.13 22.21 -8.35
N GLN A 8 0.41 21.69 -9.35
CA GLN A 8 -0.52 20.59 -9.09
C GLN A 8 0.17 19.39 -8.47
N PRO A 9 1.30 18.91 -8.99
CA PRO A 9 1.96 17.76 -8.37
C PRO A 9 2.29 18.01 -6.92
N ILE A 10 2.75 19.21 -6.58
CA ILE A 10 3.11 19.49 -5.19
C ILE A 10 1.87 19.54 -4.32
N SER A 11 0.80 20.13 -4.85
CA SER A 11 -0.47 20.14 -4.14
C SER A 11 -0.97 18.73 -3.83
N ASP A 12 -0.89 17.83 -4.80
CA ASP A 12 -1.23 16.44 -4.55
C ASP A 12 -0.26 15.79 -3.57
N TYR A 13 1.03 16.14 -3.65
CA TYR A 13 1.96 15.56 -2.69
C TYR A 13 1.61 15.99 -1.27
N LYS A 14 1.22 17.25 -1.08
CA LYS A 14 0.88 17.70 0.27
C LYS A 14 -0.33 16.96 0.81
N ILE A 15 -1.30 16.64 -0.05
CA ILE A 15 -2.44 15.85 0.39
C ILE A 15 -2.00 14.46 0.82
N TYR A 16 -1.10 13.85 0.04
CA TYR A 16 -0.55 12.53 0.38
C TYR A 16 0.15 12.57 1.74
N VAL A 17 0.99 13.60 1.96
CA VAL A 17 1.66 13.74 3.26
C VAL A 17 0.63 13.90 4.36
N SER A 18 -0.33 14.80 4.15
CA SER A 18 -1.37 15.03 5.15
C SER A 18 -2.12 13.74 5.48
N GLU A 19 -2.41 12.92 4.46
CA GLU A 19 -3.15 11.68 4.70
C GLU A 19 -2.31 10.70 5.48
N ASN A 20 -1.03 10.59 5.16
CA ASN A 20 -0.15 9.75 5.96
C ASN A 20 -0.04 10.26 7.40
N LEU A 21 -0.03 11.57 7.60
CA LEU A 21 0.01 12.11 8.96
C LEU A 21 -1.27 11.75 9.73
N GLN A 22 -2.42 11.85 9.10
CA GLN A 22 -3.65 11.42 9.76
C GLN A 22 -3.57 9.95 10.16
N THR A 23 -3.09 9.10 9.24
CA THR A 23 -2.90 7.70 9.60
C THR A 23 -1.90 7.53 10.72
N LEU A 24 -0.76 8.23 10.64
CA LEU A 24 0.24 8.12 11.70
C LEU A 24 -0.35 8.49 13.05
N VAL A 25 -1.16 9.55 13.10
CA VAL A 25 -1.79 9.96 14.36
C VAL A 25 -2.71 8.86 14.88
N ARG A 26 -3.58 8.31 14.01
CA ARG A 26 -4.50 7.25 14.47
C ARG A 26 -3.73 6.02 14.95
N ASP A 27 -2.75 5.58 14.14
CA ASP A 27 -1.99 4.39 14.49
C ASP A 27 -1.12 4.63 15.73
N THR A 28 -0.52 5.81 15.85
CA THR A 28 0.29 6.08 17.02
C THR A 28 -0.57 6.13 18.27
N ARG A 29 -1.81 6.60 18.15
CA ARG A 29 -2.73 6.54 19.30
C ARG A 29 -2.97 5.10 19.74
N GLU A 30 -3.25 4.22 18.80
CA GLU A 30 -3.51 2.83 19.15
C GLU A 30 -2.24 2.17 19.70
N PHE A 31 -1.09 2.42 19.07
CA PHE A 31 0.20 1.94 19.55
C PHE A 31 0.50 2.43 20.96
N THR A 32 0.43 3.74 21.18
CA THR A 32 0.82 4.25 22.50
C THR A 32 -0.18 3.85 23.56
N ASN A 33 -1.46 3.66 23.18
CA ASN A 33 -2.42 3.16 24.18
C ASN A 33 -2.07 1.74 24.59
N ALA A 34 -1.63 0.91 23.64
CA ALA A 34 -1.28 -0.47 23.94
C ALA A 34 -0.06 -0.52 24.85
N VAL A 35 0.93 0.34 24.59
CA VAL A 35 2.09 0.46 25.48
C VAL A 35 1.62 0.88 26.87
N LYS A 36 0.77 1.92 26.94
CA LYS A 36 0.34 2.44 28.24
C LYS A 36 -0.51 1.42 29.00
N ALA A 37 -1.23 0.56 28.29
CA ALA A 37 -1.98 -0.50 28.94
C ALA A 37 -1.09 -1.64 29.40
N GLY A 38 0.20 -1.62 29.06
CA GLY A 38 1.06 -2.74 29.35
C GLY A 38 0.83 -3.95 28.48
N ASP A 39 0.23 -3.75 27.31
CA ASP A 39 -0.08 -4.85 26.38
C ASP A 39 1.10 -5.01 25.41
N VAL A 40 2.10 -5.76 25.86
CA VAL A 40 3.36 -5.86 25.10
C VAL A 40 3.12 -6.51 23.75
N ALA A 41 2.46 -7.67 23.75
CA ALA A 41 2.29 -8.42 22.52
C ALA A 41 1.53 -7.62 21.47
N LYS A 42 0.60 -6.78 21.92
CA LYS A 42 -0.16 -5.95 20.98
C LYS A 42 0.68 -4.76 20.51
N ALA A 43 1.39 -4.10 21.43
CA ALA A 43 2.27 -3.00 21.01
C ALA A 43 3.33 -3.50 20.04
N LYS A 44 3.87 -4.69 20.29
CA LYS A 44 4.85 -5.27 19.38
C LYS A 44 4.24 -5.46 18.00
N LYS A 45 3.05 -6.04 17.97
CA LYS A 45 2.36 -6.25 16.69
C LYS A 45 2.11 -4.98 15.86
N LEU A 46 1.94 -3.87 16.51
CA LEU A 46 1.62 -2.62 15.89
C LEU A 46 2.85 -1.78 15.61
N PHE A 47 4.05 -2.23 15.97
CA PHE A 47 5.21 -1.36 15.86
C PHE A 47 5.49 -0.98 14.40
N ALA A 48 5.71 -1.97 13.55
CA ALA A 48 6.16 -1.65 12.19
C ALA A 48 5.02 -1.06 11.34
N SER A 49 3.78 -1.54 11.53
CA SER A 49 2.67 -0.97 10.76
C SER A 49 2.44 0.49 11.13
N THR A 50 2.56 0.82 12.42
CA THR A 50 2.42 2.22 12.82
C THR A 50 3.49 3.07 12.15
N ARG A 51 4.72 2.57 12.11
CA ARG A 51 5.83 3.35 11.59
C ARG A 51 5.79 3.54 10.07
N MET A 52 4.98 2.77 9.34
N MET A 52 5.02 2.72 9.34
CA MET A 52 5.08 2.86 7.89
CA MET A 52 5.04 2.84 7.89
C MET A 52 4.54 4.18 7.35
C MET A 52 4.64 4.24 7.44
N SER A 53 3.60 4.82 8.05
CA SER A 53 3.15 6.15 7.63
C SER A 53 4.25 7.17 7.85
N TYR A 54 4.98 7.03 8.95
CA TYR A 54 6.12 7.91 9.18
C TYR A 54 7.23 7.68 8.14
N GLU A 55 7.57 6.43 7.85
CA GLU A 55 8.66 6.20 6.92
C GLU A 55 8.30 6.60 5.50
N ARG A 56 7.00 6.62 5.16
CA ARG A 56 6.58 7.06 3.84
C ARG A 56 6.84 8.53 3.60
N ILE A 57 6.83 9.35 4.65
CA ILE A 57 7.07 10.77 4.51
C ILE A 57 8.39 11.19 5.15
N GLU A 58 9.36 10.28 5.24
CA GLU A 58 10.44 10.50 6.21
C GLU A 58 11.23 11.78 5.96
N PRO A 59 11.51 12.18 4.72
CA PRO A 59 12.28 13.42 4.51
C PRO A 59 11.58 14.65 5.07
N ILE A 60 10.25 14.65 5.10
CA ILE A 60 9.52 15.81 5.60
C ILE A 60 9.67 15.91 7.11
N ALA A 61 9.48 14.79 7.82
CA ALA A 61 9.78 14.77 9.24
C ALA A 61 11.21 15.25 9.50
N GLU A 62 12.11 14.95 8.56
CA GLU A 62 13.52 15.29 8.69
C GLU A 62 13.76 16.79 8.83
N LEU A 63 12.78 17.62 8.46
CA LEU A 63 12.97 19.06 8.53
C LEU A 63 13.00 19.58 9.96
N PHE A 64 12.47 18.81 10.91
CA PHE A 64 12.37 19.26 12.30
C PHE A 64 13.29 18.37 13.11
N SER A 65 14.59 18.67 13.01
CA SER A 65 15.64 17.79 13.50
C SER A 65 15.37 17.35 14.92
N ASP A 66 14.85 18.24 15.76
CA ASP A 66 14.60 17.87 17.14
C ASP A 66 13.35 17.02 17.28
N LEU A 67 12.24 17.41 16.64
CA LEU A 67 11.07 16.53 16.53
C LEU A 67 11.44 15.18 15.97
N ASP A 68 12.02 15.17 14.77
CA ASP A 68 12.36 13.92 14.13
C ASP A 68 13.30 13.10 15.01
N ALA A 69 14.35 13.72 15.53
CA ALA A 69 15.22 13.03 16.49
C ALA A 69 14.42 12.53 17.69
N SER A 70 13.55 13.39 18.24
CA SER A 70 12.72 12.96 19.36
C SER A 70 11.89 11.74 19.01
N ILE A 71 11.32 11.72 17.80
CA ILE A 71 10.38 10.68 17.40
C ILE A 71 11.11 9.37 17.06
N ASP A 72 12.33 9.46 16.48
CA ASP A 72 12.89 8.31 15.79
C ASP A 72 14.39 8.10 15.97
N SER A 73 15.04 8.77 16.92
CA SER A 73 16.45 8.45 17.14
C SER A 73 16.61 7.00 17.60
N ARG A 74 17.78 6.43 17.28
CA ARG A 74 18.40 5.17 17.70
C ARG A 74 19.26 5.33 18.93
N ALA A 75 19.50 4.20 19.61
CA ALA A 75 20.29 4.25 20.83
C ALA A 75 21.65 4.88 20.59
N ASP A 76 22.29 4.56 19.46
CA ASP A 76 23.65 5.00 19.25
C ASP A 76 23.75 6.49 18.95
N ASP A 77 22.62 7.19 18.85
CA ASP A 77 22.62 8.64 18.79
C ASP A 77 22.77 9.29 20.16
N HIS A 78 23.09 8.52 21.19
CA HIS A 78 23.04 9.01 22.56
C HIS A 78 24.22 8.46 23.34
N GLU A 79 24.75 9.29 24.25
CA GLU A 79 25.98 8.91 24.95
C GLU A 79 25.78 7.63 25.74
N LYS A 80 24.73 7.55 26.55
CA LYS A 80 24.44 6.35 27.32
C LYS A 80 23.68 5.29 26.53
N ALA A 81 23.60 5.43 25.20
CA ALA A 81 22.92 4.47 24.32
C ALA A 81 21.54 4.16 24.94
N GLU A 82 21.21 2.89 25.19
CA GLU A 82 19.85 2.53 25.59
C GLU A 82 19.49 3.09 26.97
N LYS A 83 20.49 3.30 27.82
CA LYS A 83 20.27 3.81 29.15
C LYS A 83 20.41 5.32 29.23
N ASP A 84 20.44 6.00 28.09
CA ASP A 84 20.52 7.46 28.08
C ASP A 84 19.13 8.03 28.33
N PRO A 85 18.95 8.87 29.37
CA PRO A 85 17.62 9.43 29.64
C PRO A 85 17.09 10.30 28.51
N ALA A 86 17.93 10.65 27.53
CA ALA A 86 17.52 11.39 26.34
C ALA A 86 17.05 10.47 25.21
N PHE A 87 16.84 9.19 25.49
CA PHE A 87 16.45 8.22 24.47
C PHE A 87 14.93 8.06 24.54
N PHE A 88 14.25 8.73 23.64
CA PHE A 88 12.79 8.68 23.53
C PHE A 88 12.39 8.17 22.15
N GLY A 89 11.09 8.16 21.91
CA GLY A 89 10.58 7.85 20.58
C GLY A 89 10.39 6.36 20.34
N PHE A 90 10.15 6.04 19.06
CA PHE A 90 9.85 4.67 18.66
C PHE A 90 10.90 3.68 19.15
N HIS A 91 12.19 4.02 19.01
CA HIS A 91 13.20 3.00 19.26
C HIS A 91 13.51 2.85 20.75
N ARG A 92 13.23 3.87 21.55
CA ARG A 92 13.26 3.66 23.00
C ARG A 92 12.20 2.64 23.40
N ILE A 93 10.97 2.83 22.89
CA ILE A 93 9.90 1.86 23.13
C ILE A 93 10.25 0.51 22.51
N GLU A 94 10.79 0.51 21.28
CA GLU A 94 11.20 -0.75 20.68
C GLU A 94 12.12 -1.54 21.61
N TYR A 95 13.06 -0.86 22.27
CA TYR A 95 13.98 -1.56 23.15
C TYR A 95 13.23 -2.28 24.28
N GLY A 96 12.34 -1.56 24.96
CA GLY A 96 11.57 -2.20 26.02
C GLY A 96 10.75 -3.38 25.52
N LEU A 97 9.98 -3.16 24.46
CA LEU A 97 9.05 -4.18 24.01
C LEU A 97 9.78 -5.42 23.48
N PHE A 98 10.82 -5.22 22.66
CA PHE A 98 11.40 -6.35 21.94
C PHE A 98 12.65 -6.92 22.61
N ALA A 99 13.50 -6.06 23.16
CA ALA A 99 14.72 -6.54 23.82
C ALA A 99 14.44 -6.98 25.25
N GLN A 100 13.52 -6.32 25.94
CA GLN A 100 13.24 -6.61 27.34
C GLN A 100 11.86 -7.21 27.56
N ASN A 101 11.07 -7.34 26.50
CA ASN A 101 9.76 -7.97 26.58
C ASN A 101 8.93 -7.38 27.72
N SER A 102 8.96 -6.05 27.83
CA SER A 102 8.37 -5.34 28.95
C SER A 102 7.91 -3.96 28.52
N ALA A 103 6.77 -3.53 29.06
CA ALA A 103 6.29 -2.17 28.93
C ALA A 103 6.67 -1.29 30.11
N LYS A 104 7.43 -1.79 31.07
CA LYS A 104 7.70 -1.01 32.26
C LYS A 104 8.50 0.24 31.93
N GLY A 105 8.09 1.38 32.48
CA GLY A 105 8.78 2.62 32.25
C GLY A 105 8.50 3.30 30.92
N LEU A 106 7.65 2.71 30.08
CA LEU A 106 7.43 3.23 28.74
C LEU A 106 6.23 4.17 28.63
N ALA A 107 5.34 4.19 29.63
CA ALA A 107 4.18 5.09 29.53
C ALA A 107 4.59 6.53 29.25
N PRO A 108 5.57 7.10 29.95
CA PRO A 108 5.97 8.48 29.63
C PRO A 108 6.60 8.59 28.26
N VAL A 109 7.33 7.56 27.83
CA VAL A 109 7.88 7.56 26.47
C VAL A 109 6.76 7.59 25.45
N ALA A 110 5.71 6.78 25.67
CA ALA A 110 4.54 6.80 24.79
C ALA A 110 3.85 8.16 24.79
N ASP A 111 3.67 8.78 25.96
CA ASP A 111 3.12 10.14 26.03
C ASP A 111 3.87 11.11 25.13
N LYS A 112 5.20 11.13 25.27
CA LYS A 112 6.02 12.07 24.51
C LYS A 112 5.92 11.79 23.02
N LEU A 113 5.89 10.51 22.65
CA LEU A 113 5.79 10.17 21.23
C LEU A 113 4.47 10.66 20.64
N MET A 114 3.34 10.37 21.33
CA MET A 114 2.05 10.91 20.89
C MET A 114 2.12 12.41 20.69
N ALA A 115 2.59 13.14 21.70
CA ALA A 115 2.67 14.59 21.60
C ALA A 115 3.54 15.03 20.42
N ASP A 116 4.69 14.38 20.23
CA ASP A 116 5.58 14.77 19.13
C ASP A 116 4.92 14.53 17.77
N VAL A 117 4.22 13.41 17.63
CA VAL A 117 3.57 13.14 16.34
C VAL A 117 2.48 14.16 16.08
N LEU A 118 1.66 14.48 17.09
CA LEU A 118 0.69 15.55 16.89
C LEU A 118 1.37 16.84 16.49
N GLU A 119 2.53 17.12 17.09
CA GLU A 119 3.22 18.39 16.83
C GLU A 119 3.83 18.39 15.44
N LEU A 120 4.34 17.23 15.01
CA LEU A 120 4.84 17.10 13.64
C LEU A 120 3.73 17.34 12.62
N GLN A 121 2.57 16.74 12.84
CA GLN A 121 1.44 16.97 11.96
C GLN A 121 1.11 18.45 11.87
N LYS A 122 1.10 19.13 13.01
CA LYS A 122 0.82 20.55 13.05
C LYS A 122 1.85 21.34 12.23
N ARG A 123 3.13 21.09 12.46
CA ARG A 123 4.14 21.85 11.72
C ARG A 123 4.05 21.60 10.23
N ILE A 124 3.81 20.35 9.83
CA ILE A 124 3.79 20.06 8.40
C ILE A 124 2.60 20.74 7.72
N ARG A 125 1.46 20.84 8.40
CA ARG A 125 0.33 21.53 7.78
C ARG A 125 0.68 22.96 7.37
N GLY A 126 1.58 23.61 8.11
CA GLY A 126 1.94 24.97 7.77
C GLY A 126 3.12 25.14 6.85
N LEU A 127 3.69 24.06 6.32
CA LEU A 127 4.90 24.13 5.50
C LEU A 127 4.55 24.36 4.03
N THR A 128 5.34 25.19 3.37
CA THR A 128 5.33 25.20 1.91
C THR A 128 6.32 24.16 1.43
N PHE A 129 5.92 23.39 0.45
CA PHE A 129 6.73 22.27 -0.01
C PHE A 129 7.49 22.67 -1.29
N PRO A 130 8.71 23.20 -1.22
CA PRO A 130 9.42 23.52 -2.47
C PRO A 130 9.65 22.24 -3.26
N PRO A 131 9.37 22.23 -4.56
CA PRO A 131 9.51 20.97 -5.30
C PRO A 131 10.93 20.45 -5.30
N GLU A 132 11.95 21.33 -5.32
CA GLU A 132 13.31 20.81 -5.29
C GLU A 132 13.62 20.11 -3.97
N LYS A 133 12.97 20.53 -2.88
CA LYS A 133 13.15 19.85 -1.60
C LYS A 133 12.47 18.48 -1.61
N VAL A 134 11.29 18.39 -2.22
CA VAL A 134 10.57 17.13 -2.30
C VAL A 134 11.37 16.11 -3.12
N VAL A 135 11.79 16.48 -4.32
CA VAL A 135 12.48 15.52 -5.19
C VAL A 135 13.88 15.24 -4.67
N GLY A 136 14.62 16.28 -4.28
CA GLY A 136 15.99 16.06 -3.82
C GLY A 136 16.02 15.33 -2.50
N GLY A 137 15.05 15.61 -1.63
CA GLY A 137 14.95 14.90 -0.36
C GLY A 137 14.69 13.42 -0.55
N ALA A 138 13.90 13.07 -1.58
CA ALA A 138 13.68 11.66 -1.89
C ALA A 138 14.97 11.00 -2.36
N ALA A 139 15.75 11.69 -3.18
CA ALA A 139 17.04 11.14 -3.63
C ALA A 139 17.95 10.88 -2.45
N VAL A 140 18.00 11.81 -1.49
CA VAL A 140 18.87 11.65 -0.32
C VAL A 140 18.36 10.50 0.53
N LEU A 141 17.05 10.37 0.69
CA LEU A 141 16.48 9.27 1.44
C LEU A 141 16.90 7.92 0.84
N MET A 142 16.85 7.78 -0.49
CA MET A 142 17.34 6.54 -1.10
C MET A 142 18.78 6.27 -0.73
N GLU A 143 19.66 7.28 -0.84
CA GLU A 143 21.06 7.02 -0.50
C GLU A 143 21.21 6.67 0.98
N GLU A 144 20.40 7.30 1.85
CA GLU A 144 20.48 6.98 3.27
C GLU A 144 20.09 5.55 3.53
N VAL A 145 19.02 5.07 2.86
CA VAL A 145 18.64 3.67 3.00
C VAL A 145 19.80 2.78 2.57
N ALA A 146 20.31 3.00 1.35
CA ALA A 146 21.36 2.14 0.80
C ALA A 146 22.65 2.21 1.61
N ALA A 147 23.05 3.41 2.03
CA ALA A 147 24.40 3.60 2.57
C ALA A 147 24.46 3.70 4.08
N THR A 148 23.34 3.90 4.75
CA THR A 148 23.40 4.05 6.21
C THR A 148 22.47 3.12 6.98
N LYS A 149 21.42 2.57 6.36
CA LYS A 149 20.48 1.70 7.07
C LYS A 149 20.59 0.24 6.61
N ILE A 150 21.52 -0.05 5.70
CA ILE A 150 21.56 -1.35 5.04
C ILE A 150 22.03 -2.48 5.96
N SER A 151 22.60 -2.13 7.11
CA SER A 151 23.05 -3.14 8.07
C SER A 151 22.00 -3.46 9.11
N GLY A 152 20.80 -2.91 8.97
CA GLY A 152 19.77 -3.09 9.98
C GLY A 152 19.85 -2.09 11.11
N GLU A 153 20.46 -0.93 10.86
CA GLU A 153 20.69 0.04 11.92
C GLU A 153 19.39 0.56 12.52
N GLU A 154 18.33 0.64 11.73
CA GLU A 154 17.14 1.35 12.20
C GLU A 154 16.42 0.60 13.33
N ASP A 155 16.17 -0.70 13.16
CA ASP A 155 15.34 -1.48 14.10
C ASP A 155 16.20 -2.55 14.76
N ARG A 156 17.06 -2.11 15.68
CA ARG A 156 18.08 -2.95 16.29
C ARG A 156 17.51 -4.07 17.15
N TYR A 157 16.24 -3.99 17.55
CA TYR A 157 15.68 -4.98 18.47
C TYR A 157 14.56 -5.79 17.84
N SER A 158 13.66 -5.15 17.07
CA SER A 158 12.61 -5.86 16.34
C SER A 158 13.07 -6.38 14.98
N HIS A 159 14.08 -5.74 14.37
CA HIS A 159 14.55 -6.13 13.05
C HIS A 159 13.45 -6.08 12.00
N THR A 160 12.57 -5.09 12.13
CA THR A 160 11.46 -4.86 11.20
C THR A 160 11.86 -3.93 10.05
N ASP A 161 13.15 -3.85 9.76
CA ASP A 161 13.74 -2.96 8.77
C ASP A 161 13.07 -3.04 7.40
N LEU A 162 12.70 -4.25 6.96
CA LEU A 162 12.10 -4.40 5.64
C LEU A 162 10.82 -3.60 5.51
N TRP A 163 10.01 -3.58 6.57
CA TRP A 163 8.80 -2.76 6.52
C TRP A 163 9.15 -1.28 6.32
N ASP A 164 10.16 -0.78 7.05
CA ASP A 164 10.61 0.61 6.87
C ASP A 164 11.03 0.87 5.42
N PHE A 165 11.88 -0.02 4.87
CA PHE A 165 12.36 0.15 3.49
C PHE A 165 11.20 0.20 2.51
N GLN A 166 10.28 -0.76 2.64
CA GLN A 166 9.11 -0.78 1.76
C GLN A 166 8.42 0.57 1.76
N ALA A 167 8.19 1.14 2.96
CA ALA A 167 7.53 2.42 3.10
C ALA A 167 8.37 3.57 2.55
N ASN A 168 9.69 3.57 2.80
CA ASN A 168 10.55 4.57 2.16
C ASN A 168 10.40 4.54 0.66
N PHE A 169 10.41 3.33 0.08
CA PHE A 169 10.36 3.23 -1.38
C PHE A 169 9.01 3.67 -1.91
N GLU A 170 7.93 3.27 -1.22
CA GLU A 170 6.61 3.74 -1.57
C GLU A 170 6.55 5.26 -1.58
N GLY A 171 7.15 5.90 -0.58
CA GLY A 171 7.04 7.36 -0.51
C GLY A 171 7.81 8.03 -1.63
N ALA A 172 8.97 7.47 -1.98
CA ALA A 172 9.73 8.01 -3.10
C ALA A 172 9.02 7.74 -4.42
N LYS A 173 8.43 6.55 -4.55
CA LYS A 173 7.69 6.20 -5.77
C LYS A 173 6.51 7.14 -5.98
N LYS A 174 5.85 7.55 -4.90
CA LYS A 174 4.71 8.45 -5.05
C LYS A 174 5.15 9.77 -5.67
N ILE A 175 6.35 10.25 -5.31
CA ILE A 175 6.87 11.47 -5.91
C ILE A 175 7.15 11.27 -7.39
N VAL A 176 7.78 10.15 -7.73
CA VAL A 176 7.99 9.84 -9.15
C VAL A 176 6.65 9.84 -9.89
N ASP A 177 5.64 9.17 -9.31
CA ASP A 177 4.35 9.06 -9.97
C ASP A 177 3.70 10.42 -10.19
N LEU A 178 3.75 11.28 -9.17
CA LEU A 178 3.13 12.60 -9.30
C LEU A 178 3.78 13.43 -10.40
N PHE A 179 5.05 13.21 -10.69
CA PHE A 179 5.74 14.02 -11.68
C PHE A 179 5.78 13.36 -13.05
N ARG A 180 5.36 12.11 -13.15
CA ARG A 180 5.38 11.42 -14.43
C ARG A 180 4.67 12.21 -15.54
N PRO A 181 3.50 12.82 -15.32
CA PRO A 181 2.86 13.57 -16.41
C PRO A 181 3.75 14.66 -17.01
N LEU A 182 4.50 15.38 -16.19
CA LEU A 182 5.47 16.31 -16.73
C LEU A 182 6.57 15.59 -17.49
N VAL A 183 6.94 14.40 -17.03
CA VAL A 183 8.17 13.80 -17.53
C VAL A 183 7.94 13.04 -18.83
N VAL A 184 6.79 12.36 -18.97
CA VAL A 184 6.58 11.48 -20.13
C VAL A 184 6.50 12.27 -21.42
N LYS A 185 6.25 13.56 -21.32
CA LYS A 185 6.29 14.54 -22.39
C LYS A 185 7.49 14.39 -23.28
N ASP A 186 8.66 14.81 -22.77
CA ASP A 186 9.90 14.79 -23.51
C ASP A 186 10.78 13.61 -23.14
N ASN A 187 10.46 12.91 -22.05
CA ASN A 187 11.36 11.91 -21.48
C ASN A 187 10.55 10.70 -21.04
N ARG A 188 9.70 10.17 -21.92
CA ARG A 188 8.98 8.95 -21.57
C ARG A 188 9.96 7.82 -21.31
N ALA A 189 11.05 7.76 -22.06
CA ALA A 189 12.02 6.70 -21.85
C ALA A 189 12.55 6.75 -20.41
N PHE A 190 12.96 7.94 -19.97
CA PHE A 190 13.45 8.06 -18.60
C PHE A 190 12.37 7.71 -17.59
N ALA A 191 11.16 8.23 -17.79
CA ALA A 191 10.09 7.94 -16.83
C ALA A 191 9.85 6.44 -16.71
N ASP A 192 9.95 5.70 -17.82
CA ASP A 192 9.77 4.25 -17.74
C ASP A 192 10.98 3.56 -17.12
N LYS A 193 12.19 4.07 -17.36
CA LYS A 193 13.37 3.51 -16.70
C LYS A 193 13.21 3.60 -15.17
N VAL A 194 12.77 4.75 -14.68
CA VAL A 194 12.59 4.90 -13.23
C VAL A 194 11.56 3.90 -12.72
N ASP A 195 10.41 3.80 -13.40
CA ASP A 195 9.43 2.80 -13.00
C ASP A 195 10.08 1.42 -12.92
N ALA A 196 10.86 1.06 -13.95
CA ALA A 196 11.50 -0.25 -13.94
C ALA A 196 12.47 -0.40 -12.77
N ASN A 197 13.23 0.65 -12.46
CA ASN A 197 14.20 0.56 -11.38
C ASN A 197 13.51 0.40 -10.03
N PHE A 198 12.40 1.11 -9.83
CA PHE A 198 11.63 0.87 -8.61
C PHE A 198 11.07 -0.53 -8.58
N ASP A 199 10.55 -1.01 -9.72
CA ASP A 199 10.03 -2.38 -9.82
C ASP A 199 11.09 -3.39 -9.34
N THR A 200 12.35 -3.17 -9.75
CA THR A 200 13.43 -4.09 -9.39
C THR A 200 13.63 -4.12 -7.88
N VAL A 201 13.60 -2.95 -7.25
CA VAL A 201 13.76 -2.89 -5.80
C VAL A 201 12.57 -3.54 -5.10
N PHE A 202 11.34 -3.22 -5.55
CA PHE A 202 10.18 -3.85 -4.93
C PHE A 202 10.24 -5.37 -5.07
N LYS A 203 10.60 -5.85 -6.26
CA LYS A 203 10.72 -7.29 -6.46
C LYS A 203 11.82 -7.88 -5.58
N THR A 204 12.88 -7.11 -5.31
CA THR A 204 13.94 -7.58 -4.42
C THR A 204 13.41 -7.79 -3.00
N LEU A 205 12.68 -6.81 -2.47
CA LEU A 205 12.02 -7.02 -1.16
C LEU A 205 11.07 -8.20 -1.16
N ALA A 206 10.34 -8.44 -2.26
CA ALA A 206 9.36 -9.52 -2.26
C ALA A 206 10.00 -10.89 -2.04
N LYS A 207 11.29 -11.02 -2.38
CA LYS A 207 12.03 -12.23 -2.02
C LYS A 207 11.94 -12.55 -0.53
N TYR A 208 11.81 -11.54 0.32
CA TYR A 208 11.83 -11.74 1.76
C TYR A 208 10.46 -11.70 2.41
N ARG A 209 9.39 -11.74 1.60
CA ARG A 209 8.06 -11.97 2.16
C ARG A 209 7.96 -13.38 2.73
N THR A 210 7.12 -13.54 3.73
CA THR A 210 6.88 -14.83 4.36
C THR A 210 5.62 -15.48 3.79
N ALA A 211 5.33 -16.69 4.27
CA ALA A 211 4.21 -17.45 3.74
C ALA A 211 2.87 -16.72 3.92
N ASP A 212 2.69 -16.03 5.05
CA ASP A 212 1.43 -15.35 5.29
C ASP A 212 1.43 -13.91 4.78
N GLY A 213 2.46 -13.52 4.03
CA GLY A 213 2.53 -12.23 3.37
C GLY A 213 3.17 -11.14 4.19
N GLY A 214 3.75 -11.46 5.33
CA GLY A 214 4.56 -10.51 6.10
C GLY A 214 5.99 -10.54 5.62
N PHE A 215 6.87 -9.98 6.44
CA PHE A 215 8.29 -9.88 6.12
C PHE A 215 9.11 -10.72 7.08
N GLU A 216 10.19 -11.28 6.57
CA GLU A 216 11.22 -11.86 7.41
C GLU A 216 11.90 -10.79 8.25
N LEU A 217 12.46 -11.22 9.39
CA LEU A 217 13.36 -10.36 10.14
C LEU A 217 14.61 -10.05 9.32
N TYR A 218 15.18 -8.88 9.57
CA TYR A 218 16.23 -8.38 8.69
C TYR A 218 17.49 -9.23 8.74
N GLY A 219 17.73 -9.93 9.85
CA GLY A 219 18.87 -10.82 9.95
C GLY A 219 18.87 -11.93 8.92
N LYS A 220 17.72 -12.21 8.30
CA LYS A 220 17.63 -13.21 7.25
C LYS A 220 18.25 -12.75 5.93
N LEU A 221 18.54 -11.46 5.75
CA LEU A 221 19.24 -11.04 4.53
C LEU A 221 20.74 -11.26 4.71
N SER A 222 21.33 -12.07 3.84
CA SER A 222 22.76 -12.31 3.85
C SER A 222 23.52 -11.04 3.50
N GLU A 223 24.84 -11.05 3.73
CA GLU A 223 25.66 -9.93 3.31
C GLU A 223 25.56 -9.71 1.81
N ARG A 224 25.57 -10.79 1.03
CA ARG A 224 25.36 -10.63 -0.41
C ARG A 224 24.02 -9.95 -0.69
N ASP A 225 22.96 -10.43 -0.05
CA ASP A 225 21.63 -9.87 -0.25
C ASP A 225 21.66 -8.37 -0.03
N ARG A 226 22.29 -7.95 1.06
CA ARG A 226 22.36 -6.53 1.41
C ARG A 226 23.15 -5.74 0.38
N LYS A 227 24.33 -6.25 -0.02
CA LYS A 227 25.13 -5.52 -0.99
C LYS A 227 24.35 -5.32 -2.29
N VAL A 228 23.59 -6.34 -2.70
CA VAL A 228 22.85 -6.25 -3.96
C VAL A 228 21.69 -5.27 -3.82
N LEU A 229 20.95 -5.34 -2.71
CA LEU A 229 19.89 -4.38 -2.45
C LEU A 229 20.44 -2.96 -2.47
N ALA A 230 21.59 -2.72 -1.80
CA ALA A 230 22.14 -1.37 -1.74
C ALA A 230 22.43 -0.83 -3.13
N GLY A 231 22.99 -1.66 -4.02
CA GLY A 231 23.24 -1.18 -5.37
C GLY A 231 21.98 -0.77 -6.11
N ARG A 232 20.92 -1.58 -6.00
CA ARG A 232 19.67 -1.29 -6.69
C ARG A 232 18.98 -0.07 -6.12
N VAL A 233 19.11 0.15 -4.82
CA VAL A 233 18.55 1.35 -4.20
C VAL A 233 19.35 2.61 -4.60
N ASN A 234 20.70 2.52 -4.69
CA ASN A 234 21.46 3.58 -5.36
C ASN A 234 20.93 4.00 -6.72
N THR A 235 20.55 3.07 -7.57
CA THR A 235 19.94 3.47 -8.83
C THR A 235 18.73 4.38 -8.60
N LEU A 236 17.90 4.08 -7.60
CA LEU A 236 16.80 4.99 -7.26
C LEU A 236 17.27 6.40 -6.92
N ALA A 237 18.35 6.54 -6.15
CA ALA A 237 18.85 7.87 -5.80
C ALA A 237 19.26 8.68 -7.02
N GLU A 238 20.11 8.07 -7.84
CA GLU A 238 20.43 8.56 -9.18
C GLU A 238 19.20 9.02 -9.94
N ASP A 239 18.20 8.13 -10.00
CA ASP A 239 17.03 8.45 -10.79
C ASP A 239 16.38 9.72 -10.30
N LEU A 240 16.12 9.81 -8.97
CA LEU A 240 15.48 11.00 -8.41
C LEU A 240 16.35 12.24 -8.60
N SER A 241 17.67 12.11 -8.47
CA SER A 241 18.54 13.26 -8.69
C SER A 241 18.45 13.73 -10.14
N LYS A 242 18.53 12.79 -11.09
CA LYS A 242 18.39 13.17 -12.49
C LYS A 242 17.02 13.79 -12.76
N MET A 243 15.96 13.25 -12.13
CA MET A 243 14.62 13.81 -12.32
C MET A 243 14.54 15.26 -11.86
N ARG A 244 15.20 15.58 -10.73
CA ARG A 244 15.27 16.98 -10.29
C ARG A 244 15.78 17.87 -11.42
N GLY A 245 16.89 17.49 -12.04
CA GLY A 245 17.42 18.31 -13.12
C GLY A 245 16.47 18.38 -14.30
N LEU A 246 15.82 17.26 -14.63
CA LEU A 246 14.92 17.26 -15.78
C LEU A 246 13.68 18.12 -15.54
N LEU A 247 13.31 18.36 -14.27
CA LEU A 247 12.17 19.21 -13.94
C LEU A 247 12.51 20.69 -13.92
N GLY A 248 13.72 21.08 -14.32
CA GLY A 248 14.11 22.47 -14.29
C GLY A 248 14.56 22.98 -12.93
N LEU A 249 14.71 22.11 -11.95
CA LEU A 249 14.92 22.57 -10.58
C LEU A 249 16.38 22.87 -10.26
N ASP A 250 17.30 22.74 -11.20
CA ASP A 250 18.69 23.10 -10.89
C ASP A 250 18.96 24.59 -11.08
N LEU A 251 17.98 25.38 -11.51
CA LEU A 251 18.16 26.83 -11.40
C LEU A 251 17.28 27.39 -10.29
N VAL B 1 -22.55 21.05 -6.76
CA VAL B 1 -21.28 20.82 -7.43
C VAL B 1 -21.55 20.57 -8.92
N ALA B 2 -20.68 21.10 -9.78
CA ALA B 2 -20.81 21.09 -11.24
C ALA B 2 -20.04 19.93 -11.87
N PRO B 3 -20.60 19.36 -12.95
CA PRO B 3 -19.90 18.27 -13.65
C PRO B 3 -18.44 18.54 -13.99
N LEU B 4 -18.06 19.81 -14.21
CA LEU B 4 -16.65 20.10 -14.52
C LEU B 4 -15.76 19.91 -13.30
N ASP B 5 -16.27 20.19 -12.10
CA ASP B 5 -15.55 19.86 -10.88
C ASP B 5 -15.14 18.39 -10.81
N LEU B 6 -15.81 17.51 -11.54
CA LEU B 6 -15.51 16.08 -11.44
C LEU B 6 -14.41 15.65 -12.41
N VAL B 7 -13.95 16.55 -13.27
CA VAL B 7 -13.03 16.12 -14.33
C VAL B 7 -11.66 15.77 -13.74
N GLN B 8 -11.12 16.64 -12.87
CA GLN B 8 -9.79 16.37 -12.33
C GLN B 8 -9.76 15.13 -11.45
N PRO B 9 -10.68 14.95 -10.50
CA PRO B 9 -10.69 13.65 -9.79
C PRO B 9 -10.78 12.44 -10.69
N ILE B 10 -11.55 12.47 -11.78
CA ILE B 10 -11.59 11.32 -12.67
C ILE B 10 -10.28 11.17 -13.43
N SER B 11 -9.69 12.29 -13.83
CA SER B 11 -8.33 12.26 -14.38
C SER B 11 -7.37 11.59 -13.42
N ASP B 12 -7.40 11.99 -12.15
CA ASP B 12 -6.56 11.36 -11.14
C ASP B 12 -6.90 9.88 -11.00
N TYR B 13 -8.18 9.54 -11.11
CA TYR B 13 -8.55 8.13 -10.93
C TYR B 13 -8.07 7.29 -12.10
N LYS B 14 -8.14 7.82 -13.32
CA LYS B 14 -7.60 7.12 -14.48
C LYS B 14 -6.12 6.83 -14.29
N ILE B 15 -5.37 7.78 -13.73
CA ILE B 15 -3.95 7.55 -13.47
C ILE B 15 -3.78 6.45 -12.44
N TYR B 16 -4.57 6.48 -11.38
CA TYR B 16 -4.53 5.43 -10.36
C TYR B 16 -4.80 4.07 -10.97
N VAL B 17 -5.81 3.97 -11.82
CA VAL B 17 -6.10 2.70 -12.46
C VAL B 17 -4.94 2.29 -13.35
N SER B 18 -4.38 3.24 -14.10
N SER B 18 -4.38 3.24 -14.10
CA SER B 18 -3.25 2.91 -14.97
CA SER B 18 -2.79 4.57 -15.93
CA SER B 18 -3.25 2.92 -14.98
C SER B 18 -2.04 2.42 -14.16
C SER B 18 -2.05 2.42 -14.15
N GLU B 19 -1.78 3.05 -13.02
CA GLU B 19 -0.67 2.61 -12.18
C GLU B 19 -0.91 1.19 -11.67
N ASN B 20 -2.13 0.90 -11.22
CA ASN B 20 -2.40 -0.46 -10.75
C ASN B 20 -2.31 -1.48 -11.89
N LEU B 21 -2.68 -1.10 -13.11
CA LEU B 21 -2.52 -2.06 -14.20
C LEU B 21 -1.05 -2.31 -14.51
N GLN B 22 -0.23 -1.27 -14.42
CA GLN B 22 1.22 -1.49 -14.59
C GLN B 22 1.75 -2.43 -13.52
N THR B 23 1.39 -2.18 -12.25
CA THR B 23 1.77 -3.11 -11.20
C THR B 23 1.22 -4.51 -11.44
N LEU B 24 -0.04 -4.64 -11.87
CA LEU B 24 -0.60 -5.96 -12.14
C LEU B 24 0.20 -6.68 -13.22
N VAL B 25 0.53 -5.97 -14.30
CA VAL B 25 1.32 -6.58 -15.36
C VAL B 25 2.66 -7.06 -14.82
N ARG B 26 3.38 -6.16 -14.14
CA ARG B 26 4.68 -6.52 -13.57
C ARG B 26 4.57 -7.75 -12.69
N ASP B 27 3.60 -7.76 -11.77
CA ASP B 27 3.50 -8.85 -10.81
C ASP B 27 2.99 -10.13 -11.46
N THR B 28 2.04 -10.00 -12.39
CA THR B 28 1.58 -11.20 -13.10
C THR B 28 2.70 -11.83 -13.91
N ARG B 29 3.61 -11.02 -14.45
CA ARG B 29 4.75 -11.64 -15.10
C ARG B 29 5.62 -12.39 -14.11
N GLU B 30 5.97 -11.75 -12.99
CA GLU B 30 6.73 -12.47 -11.98
C GLU B 30 5.99 -13.73 -11.53
N PHE B 31 4.69 -13.59 -11.29
CA PHE B 31 3.89 -14.72 -10.81
C PHE B 31 3.83 -15.84 -11.85
N THR B 32 3.51 -15.52 -13.10
CA THR B 32 3.38 -16.59 -14.10
C THR B 32 4.74 -17.18 -14.47
N ASN B 33 5.82 -16.40 -14.38
CA ASN B 33 7.14 -16.99 -14.59
C ASN B 33 7.46 -18.01 -13.50
N ALA B 34 7.12 -17.71 -12.24
CA ALA B 34 7.36 -18.67 -11.16
C ALA B 34 6.59 -19.97 -11.40
N VAL B 35 5.34 -19.87 -11.86
CA VAL B 35 4.57 -21.08 -12.20
C VAL B 35 5.26 -21.86 -13.32
N LYS B 36 5.52 -21.18 -14.45
CA LYS B 36 6.21 -21.77 -15.59
C LYS B 36 7.54 -22.39 -15.20
N ALA B 37 8.24 -21.79 -14.23
CA ALA B 37 9.48 -22.37 -13.72
C ALA B 37 9.23 -23.55 -12.79
N GLY B 38 7.98 -23.86 -12.48
CA GLY B 38 7.72 -24.92 -11.52
C GLY B 38 8.05 -24.58 -10.09
N ASP B 39 8.27 -23.31 -9.78
CA ASP B 39 8.60 -22.90 -8.41
C ASP B 39 7.31 -22.67 -7.65
N VAL B 40 6.76 -23.76 -7.11
CA VAL B 40 5.43 -23.71 -6.49
C VAL B 40 5.44 -22.83 -5.25
N ALA B 41 6.47 -22.93 -4.42
CA ALA B 41 6.51 -22.13 -3.19
C ALA B 41 6.61 -20.64 -3.49
N LYS B 42 7.40 -20.26 -4.51
CA LYS B 42 7.50 -18.86 -4.88
C LYS B 42 6.17 -18.35 -5.44
N ALA B 43 5.55 -19.11 -6.34
CA ALA B 43 4.28 -18.69 -6.93
C ALA B 43 3.20 -18.54 -5.86
N LYS B 44 3.16 -19.45 -4.89
CA LYS B 44 2.21 -19.33 -3.78
C LYS B 44 2.38 -18.01 -3.04
N LYS B 45 3.62 -17.66 -2.69
CA LYS B 45 3.86 -16.39 -1.99
C LYS B 45 3.47 -15.18 -2.83
N LEU B 46 3.55 -15.30 -4.15
CA LEU B 46 3.22 -14.16 -5.01
C LEU B 46 1.74 -14.08 -5.33
N PHE B 47 0.93 -15.08 -4.95
CA PHE B 47 -0.45 -15.14 -5.40
C PHE B 47 -1.24 -13.93 -4.92
N ALA B 48 -1.31 -13.74 -3.60
CA ALA B 48 -2.19 -12.69 -3.07
C ALA B 48 -1.65 -11.30 -3.38
N SER B 49 -0.33 -11.13 -3.35
CA SER B 49 0.22 -9.80 -3.58
C SER B 49 0.00 -9.38 -5.03
N THR B 50 0.19 -10.30 -5.99
CA THR B 50 -0.08 -10.01 -7.39
C THR B 50 -1.54 -9.56 -7.57
N ARG B 51 -2.45 -10.22 -6.87
CA ARG B 51 -3.88 -9.98 -7.05
C ARG B 51 -4.34 -8.66 -6.43
N MET B 52 -3.57 -8.06 -5.52
N MET B 52 -3.57 -8.08 -5.50
CA MET B 52 -4.09 -6.86 -4.88
CA MET B 52 -4.02 -6.85 -4.87
C MET B 52 -4.21 -5.70 -5.86
C MET B 52 -4.26 -5.77 -5.90
N SER B 53 -3.36 -5.66 -6.90
CA SER B 53 -3.51 -4.62 -7.93
C SER B 53 -4.82 -4.79 -8.70
N TYR B 54 -5.19 -6.03 -8.97
CA TYR B 54 -6.46 -6.32 -9.63
C TYR B 54 -7.65 -6.00 -8.70
N GLU B 55 -7.55 -6.38 -7.43
CA GLU B 55 -8.67 -6.16 -6.51
C GLU B 55 -8.88 -4.68 -6.20
N ARG B 56 -7.82 -3.86 -6.29
CA ARG B 56 -7.98 -2.42 -6.10
C ARG B 56 -8.80 -1.77 -7.20
N ILE B 57 -8.75 -2.32 -8.42
CA ILE B 57 -9.55 -1.75 -9.50
C ILE B 57 -10.60 -2.72 -10.03
N GLU B 58 -11.11 -3.61 -9.16
CA GLU B 58 -11.94 -4.71 -9.64
C GLU B 58 -13.16 -4.29 -10.47
N PRO B 59 -13.89 -3.22 -10.11
CA PRO B 59 -15.03 -2.83 -10.96
C PRO B 59 -14.64 -2.54 -12.40
N ILE B 60 -13.47 -1.94 -12.62
CA ILE B 60 -13.06 -1.58 -13.98
C ILE B 60 -12.75 -2.84 -14.79
N ALA B 61 -12.14 -3.84 -14.16
CA ALA B 61 -11.95 -5.11 -14.86
C ALA B 61 -13.29 -5.74 -15.24
N GLU B 62 -14.31 -5.62 -14.37
CA GLU B 62 -15.59 -6.25 -14.71
C GLU B 62 -16.27 -5.59 -15.90
N LEU B 63 -15.82 -4.42 -16.34
CA LEU B 63 -16.32 -3.88 -17.61
C LEU B 63 -16.08 -4.84 -18.77
N PHE B 64 -15.18 -5.80 -18.60
CA PHE B 64 -14.86 -6.78 -19.65
C PHE B 64 -15.14 -8.18 -19.11
N SER B 65 -16.41 -8.58 -19.23
CA SER B 65 -16.91 -9.80 -18.58
C SER B 65 -16.14 -11.04 -19.03
N ASP B 66 -16.09 -11.29 -20.35
CA ASP B 66 -15.40 -12.48 -20.83
C ASP B 66 -13.94 -12.47 -20.42
N LEU B 67 -13.31 -11.29 -20.47
CA LEU B 67 -11.91 -11.13 -20.08
C LEU B 67 -11.74 -11.29 -18.58
N ASP B 68 -12.49 -10.50 -17.81
CA ASP B 68 -12.50 -10.61 -16.36
C ASP B 68 -12.82 -12.03 -15.92
N ALA B 69 -13.82 -12.65 -16.52
CA ALA B 69 -14.11 -14.06 -16.23
C ALA B 69 -12.90 -14.94 -16.55
N SER B 70 -12.20 -14.66 -17.65
CA SER B 70 -11.05 -15.46 -18.00
C SER B 70 -9.94 -15.28 -16.97
N ILE B 71 -9.79 -14.05 -16.45
CA ILE B 71 -8.73 -13.74 -15.50
C ILE B 71 -9.06 -14.27 -14.10
N ASP B 72 -10.34 -14.22 -13.68
CA ASP B 72 -10.60 -14.39 -12.25
C ASP B 72 -11.79 -15.28 -11.88
N SER B 73 -12.27 -16.16 -12.75
CA SER B 73 -13.41 -16.96 -12.34
C SER B 73 -13.00 -17.98 -11.27
N ARG B 74 -13.95 -18.29 -10.38
CA ARG B 74 -14.00 -19.41 -9.44
C ARG B 74 -14.49 -20.70 -10.09
N ALA B 75 -14.11 -21.80 -9.44
CA ALA B 75 -14.50 -23.12 -9.91
C ALA B 75 -16.01 -23.22 -10.06
N ASP B 76 -16.77 -22.62 -9.15
CA ASP B 76 -18.21 -22.83 -9.17
C ASP B 76 -18.92 -21.99 -10.22
N ASP B 77 -18.20 -21.17 -10.95
CA ASP B 77 -18.74 -20.57 -12.17
C ASP B 77 -18.78 -21.54 -13.33
N HIS B 78 -18.34 -22.78 -13.14
CA HIS B 78 -18.17 -23.71 -14.25
C HIS B 78 -18.89 -25.01 -13.91
N GLU B 79 -19.64 -25.53 -14.90
CA GLU B 79 -20.44 -26.72 -14.68
C GLU B 79 -19.62 -27.82 -14.01
N LYS B 80 -18.39 -27.99 -14.45
CA LYS B 80 -17.54 -29.08 -13.99
C LYS B 80 -16.52 -28.63 -12.95
N ALA B 81 -16.67 -27.42 -12.41
CA ALA B 81 -15.93 -26.92 -11.23
C ALA B 81 -14.43 -27.00 -11.52
N GLU B 82 -13.62 -27.48 -10.57
CA GLU B 82 -12.17 -27.50 -10.77
C GLU B 82 -11.78 -28.37 -11.95
N LYS B 83 -12.55 -29.44 -12.22
CA LYS B 83 -12.34 -30.33 -13.35
C LYS B 83 -12.89 -29.76 -14.65
N ASP B 84 -13.25 -28.48 -14.70
CA ASP B 84 -13.82 -27.99 -15.95
C ASP B 84 -12.72 -27.50 -16.88
N PRO B 85 -12.85 -27.76 -18.18
CA PRO B 85 -11.80 -27.37 -19.13
C PRO B 85 -11.79 -25.89 -19.48
N ALA B 86 -12.83 -25.13 -19.14
CA ALA B 86 -12.85 -23.69 -19.39
C ALA B 86 -12.51 -22.88 -18.15
N PHE B 87 -12.03 -23.54 -17.11
CA PHE B 87 -11.64 -22.92 -15.84
C PHE B 87 -10.20 -22.44 -15.97
N PHE B 88 -10.01 -21.15 -16.25
CA PHE B 88 -8.67 -20.57 -16.39
C PHE B 88 -8.44 -19.49 -15.33
N GLY B 89 -7.35 -18.74 -15.48
CA GLY B 89 -7.12 -17.56 -14.65
C GLY B 89 -6.51 -17.84 -13.30
N PHE B 90 -6.56 -16.80 -12.46
CA PHE B 90 -5.92 -16.85 -11.15
C PHE B 90 -6.33 -18.08 -10.35
N HIS B 91 -7.62 -18.41 -10.36
CA HIS B 91 -8.07 -19.45 -9.44
C HIS B 91 -7.89 -20.85 -9.98
N ARG B 92 -7.77 -21.01 -11.29
CA ARG B 92 -7.30 -22.30 -11.82
C ARG B 92 -5.88 -22.58 -11.35
N ILE B 93 -5.01 -21.56 -11.38
CA ILE B 93 -3.65 -21.74 -10.89
C ILE B 93 -3.66 -21.94 -9.38
N GLU B 94 -4.50 -21.18 -8.66
CA GLU B 94 -4.60 -21.32 -7.21
C GLU B 94 -4.88 -22.77 -6.80
N TYR B 95 -5.79 -23.42 -7.52
CA TYR B 95 -6.11 -24.81 -7.23
C TYR B 95 -4.87 -25.69 -7.35
N GLY B 96 -4.18 -25.60 -8.48
CA GLY B 96 -2.98 -26.40 -8.66
C GLY B 96 -1.92 -26.12 -7.61
N LEU B 97 -1.59 -24.85 -7.41
CA LEU B 97 -0.53 -24.51 -6.46
C LEU B 97 -0.92 -24.89 -5.02
N PHE B 98 -2.13 -24.53 -4.60
CA PHE B 98 -2.46 -24.62 -3.17
C PHE B 98 -3.12 -25.95 -2.78
N ALA B 99 -4.03 -26.44 -3.61
CA ALA B 99 -4.74 -27.69 -3.33
C ALA B 99 -3.98 -28.91 -3.85
N GLN B 100 -3.39 -28.77 -5.03
CA GLN B 100 -2.66 -29.82 -5.72
C GLN B 100 -1.17 -29.82 -5.37
N ASN B 101 -0.66 -28.68 -4.91
CA ASN B 101 0.76 -28.49 -4.59
C ASN B 101 1.65 -28.85 -5.80
N SER B 102 1.20 -28.45 -6.99
CA SER B 102 1.89 -28.79 -8.23
C SER B 102 1.62 -27.72 -9.28
N ALA B 103 2.62 -27.46 -10.11
CA ALA B 103 2.46 -26.63 -11.30
C ALA B 103 2.08 -27.43 -12.54
N LYS B 104 1.84 -28.74 -12.41
CA LYS B 104 1.51 -29.57 -13.57
C LYS B 104 0.42 -28.94 -14.43
N GLY B 105 0.70 -28.86 -15.73
CA GLY B 105 -0.29 -28.40 -16.69
C GLY B 105 -0.68 -26.94 -16.58
N LEU B 106 0.10 -26.14 -15.85
CA LEU B 106 -0.25 -24.75 -15.61
C LEU B 106 0.42 -23.76 -16.56
N ALA B 107 1.47 -24.18 -17.29
CA ALA B 107 2.12 -23.23 -18.20
C ALA B 107 1.15 -22.62 -19.19
N PRO B 108 0.28 -23.38 -19.87
CA PRO B 108 -0.69 -22.71 -20.75
C PRO B 108 -1.66 -21.82 -19.99
N VAL B 109 -2.06 -22.22 -18.78
CA VAL B 109 -2.89 -21.35 -17.95
C VAL B 109 -2.11 -20.09 -17.59
N ALA B 110 -0.83 -20.25 -17.21
CA ALA B 110 -0.01 -19.09 -16.89
C ALA B 110 0.13 -18.16 -18.09
N ASP B 111 0.37 -18.72 -19.29
CA ASP B 111 0.51 -17.88 -20.48
C ASP B 111 -0.78 -17.14 -20.78
N LYS B 112 -1.92 -17.85 -20.76
CA LYS B 112 -3.20 -17.22 -21.03
C LYS B 112 -3.47 -16.08 -20.06
N LEU B 113 -3.23 -16.31 -18.75
CA LEU B 113 -3.41 -15.26 -17.75
C LEU B 113 -2.55 -14.06 -18.07
N MET B 114 -1.26 -14.27 -18.33
N MET B 114 -1.25 -14.27 -18.32
CA MET B 114 -0.39 -13.16 -18.70
CA MET B 114 -0.38 -13.17 -18.71
C MET B 114 -0.92 -12.41 -19.92
C MET B 114 -0.97 -12.41 -19.89
N ALA B 115 -1.38 -13.14 -20.93
CA ALA B 115 -1.93 -12.50 -22.12
C ALA B 115 -3.18 -11.70 -21.78
N ASP B 116 -4.10 -12.31 -21.02
CA ASP B 116 -5.35 -11.64 -20.66
C ASP B 116 -5.09 -10.36 -19.87
N VAL B 117 -4.13 -10.40 -18.93
CA VAL B 117 -3.80 -9.21 -18.16
C VAL B 117 -3.25 -8.13 -19.07
N LEU B 118 -2.31 -8.48 -19.94
CA LEU B 118 -1.86 -7.50 -20.93
C LEU B 118 -3.04 -6.95 -21.73
N GLU B 119 -3.96 -7.82 -22.14
CA GLU B 119 -5.11 -7.37 -22.92
C GLU B 119 -6.06 -6.50 -22.09
N LEU B 120 -6.24 -6.84 -20.81
CA LEU B 120 -7.00 -5.96 -19.94
C LEU B 120 -6.37 -4.57 -19.87
N GLN B 121 -5.05 -4.50 -19.66
CA GLN B 121 -4.40 -3.20 -19.61
C GLN B 121 -4.63 -2.45 -20.93
N LYS B 122 -4.56 -3.16 -22.05
CA LYS B 122 -4.76 -2.53 -23.34
C LYS B 122 -6.16 -1.92 -23.43
N ARG B 123 -7.18 -2.75 -23.18
CA ARG B 123 -8.57 -2.30 -23.31
C ARG B 123 -8.88 -1.10 -22.41
N ILE B 124 -8.35 -1.09 -21.18
CA ILE B 124 -8.70 -0.02 -20.25
C ILE B 124 -7.99 1.29 -20.60
N ARG B 125 -6.85 1.20 -21.28
CA ARG B 125 -6.10 2.41 -21.60
C ARG B 125 -6.93 3.38 -22.43
N GLY B 126 -7.97 2.90 -23.09
CA GLY B 126 -8.77 3.76 -23.94
C GLY B 126 -10.14 4.10 -23.39
N LEU B 127 -10.50 3.56 -22.22
CA LEU B 127 -11.82 3.80 -21.68
C LEU B 127 -11.98 5.24 -21.22
N THR B 128 -13.19 5.76 -21.37
CA THR B 128 -13.61 7.00 -20.72
C THR B 128 -14.28 6.63 -19.41
N PHE B 129 -13.85 7.23 -18.30
CA PHE B 129 -14.40 6.80 -17.02
C PHE B 129 -15.54 7.72 -16.61
N PRO B 130 -16.80 7.32 -16.79
CA PRO B 130 -17.91 8.14 -16.28
C PRO B 130 -17.88 8.19 -14.76
N PRO B 131 -17.92 9.38 -14.17
CA PRO B 131 -17.83 9.48 -12.70
C PRO B 131 -18.94 8.73 -12.01
N GLU B 132 -20.13 8.66 -12.59
CA GLU B 132 -21.19 7.90 -11.92
C GLU B 132 -20.88 6.41 -11.91
N LYS B 133 -20.13 5.91 -12.93
CA LYS B 133 -19.73 4.52 -12.91
C LYS B 133 -18.63 4.25 -11.90
N VAL B 134 -17.68 5.20 -11.78
CA VAL B 134 -16.61 5.06 -10.81
C VAL B 134 -17.19 4.99 -9.41
N VAL B 135 -18.04 5.97 -9.05
CA VAL B 135 -18.54 6.01 -7.68
C VAL B 135 -19.56 4.89 -7.46
N GLY B 136 -20.49 4.73 -8.41
CA GLY B 136 -21.50 3.68 -8.25
C GLY B 136 -20.88 2.29 -8.27
N GLY B 137 -19.87 2.10 -9.12
CA GLY B 137 -19.19 0.81 -9.14
C GLY B 137 -18.52 0.48 -7.82
N ALA B 138 -18.00 1.49 -7.13
CA ALA B 138 -17.39 1.25 -5.83
C ALA B 138 -18.46 0.85 -4.80
N ALA B 139 -19.61 1.50 -4.83
CA ALA B 139 -20.68 1.10 -3.91
C ALA B 139 -21.06 -0.36 -4.15
N VAL B 140 -21.16 -0.76 -5.42
CA VAL B 140 -21.55 -2.12 -5.73
C VAL B 140 -20.46 -3.11 -5.28
N LEU B 141 -19.18 -2.77 -5.48
CA LEU B 141 -18.10 -3.63 -5.01
C LEU B 141 -18.20 -3.86 -3.51
N MET B 142 -18.43 -2.80 -2.73
CA MET B 142 -18.60 -2.97 -1.27
C MET B 142 -19.69 -3.98 -0.96
N GLU B 143 -20.85 -3.86 -1.62
CA GLU B 143 -21.93 -4.82 -1.35
C GLU B 143 -21.52 -6.23 -1.76
N GLU B 144 -20.80 -6.36 -2.88
CA GLU B 144 -20.35 -7.66 -3.33
C GLU B 144 -19.43 -8.33 -2.32
N VAL B 145 -18.47 -7.58 -1.76
CA VAL B 145 -17.63 -8.13 -0.70
C VAL B 145 -18.50 -8.58 0.48
N ALA B 146 -19.37 -7.69 0.99
CA ALA B 146 -20.15 -8.03 2.18
C ALA B 146 -21.09 -9.20 1.93
N ALA B 147 -21.74 -9.23 0.76
CA ALA B 147 -22.86 -10.13 0.55
C ALA B 147 -22.55 -11.35 -0.29
N THR B 148 -21.45 -11.36 -1.06
CA THR B 148 -21.14 -12.51 -1.89
C THR B 148 -19.77 -13.15 -1.66
N LYS B 149 -18.82 -12.45 -1.00
CA LYS B 149 -17.47 -12.97 -0.83
C LYS B 149 -17.16 -13.25 0.64
N ILE B 150 -18.13 -13.03 1.53
CA ILE B 150 -17.90 -12.98 2.97
C ILE B 150 -17.65 -14.34 3.59
N SER B 151 -18.01 -15.43 2.92
CA SER B 151 -17.70 -16.75 3.42
C SER B 151 -16.41 -17.31 2.82
N GLY B 152 -15.62 -16.47 2.15
CA GLY B 152 -14.38 -16.91 1.58
C GLY B 152 -14.51 -17.52 0.22
N GLU B 153 -15.54 -17.13 -0.54
CA GLU B 153 -15.79 -17.64 -1.88
C GLU B 153 -14.61 -17.42 -2.81
N GLU B 154 -13.88 -16.31 -2.66
CA GLU B 154 -12.94 -15.92 -3.71
C GLU B 154 -11.75 -16.87 -3.80
N ASP B 155 -11.15 -17.19 -2.66
CA ASP B 155 -9.88 -17.93 -2.61
C ASP B 155 -10.10 -19.23 -1.84
N ARG B 156 -10.76 -20.19 -2.49
CA ARG B 156 -11.17 -21.40 -1.79
C ARG B 156 -10.02 -22.33 -1.45
N TYR B 157 -8.84 -22.16 -2.03
CA TYR B 157 -7.71 -23.04 -1.75
C TYR B 157 -6.63 -22.39 -0.91
N SER B 158 -6.29 -21.14 -1.21
CA SER B 158 -5.28 -20.41 -0.44
C SER B 158 -5.87 -19.66 0.74
N HIS B 159 -7.16 -19.32 0.70
CA HIS B 159 -7.83 -18.56 1.75
C HIS B 159 -7.11 -17.24 2.03
N THR B 160 -6.67 -16.58 0.97
CA THR B 160 -5.99 -15.28 1.02
C THR B 160 -6.98 -14.12 0.89
N ASP B 161 -8.27 -14.37 1.11
CA ASP B 161 -9.41 -13.44 1.08
C ASP B 161 -9.15 -12.09 1.75
N LEU B 162 -8.49 -12.07 2.92
CA LEU B 162 -8.27 -10.79 3.61
C LEU B 162 -7.42 -9.83 2.78
N TRP B 163 -6.44 -10.36 2.03
CA TRP B 163 -5.65 -9.51 1.14
C TRP B 163 -6.52 -8.89 0.04
N ASP B 164 -7.41 -9.69 -0.57
CA ASP B 164 -8.39 -9.17 -1.52
C ASP B 164 -9.22 -8.05 -0.90
N PHE B 165 -9.80 -8.32 0.28
CA PHE B 165 -10.66 -7.32 0.91
C PHE B 165 -9.90 -6.03 1.13
N GLN B 166 -8.69 -6.14 1.68
CA GLN B 166 -7.88 -4.95 1.95
C GLN B 166 -7.71 -4.12 0.69
N ALA B 167 -7.41 -4.78 -0.43
CA ALA B 167 -7.27 -4.08 -1.72
C ALA B 167 -8.59 -3.49 -2.18
N ASN B 168 -9.69 -4.23 -2.05
CA ASN B 168 -11.00 -3.70 -2.43
C ASN B 168 -11.28 -2.40 -1.68
N PHE B 169 -11.01 -2.39 -0.36
CA PHE B 169 -11.31 -1.21 0.44
C PHE B 169 -10.35 -0.07 0.10
N GLU B 170 -9.10 -0.40 -0.17
CA GLU B 170 -8.13 0.60 -0.63
C GLU B 170 -8.64 1.28 -1.90
N GLY B 171 -9.10 0.49 -2.87
CA GLY B 171 -9.56 1.07 -4.12
C GLY B 171 -10.78 1.96 -3.94
N ALA B 172 -11.68 1.58 -3.03
CA ALA B 172 -12.86 2.40 -2.79
C ALA B 172 -12.50 3.65 -1.99
N LYS B 173 -11.57 3.52 -1.06
CA LYS B 173 -11.13 4.68 -0.27
C LYS B 173 -10.43 5.71 -1.16
N LYS B 174 -9.65 5.26 -2.15
CA LYS B 174 -9.07 6.20 -3.11
C LYS B 174 -10.14 7.04 -3.81
N ILE B 175 -11.25 6.41 -4.23
CA ILE B 175 -12.34 7.18 -4.83
C ILE B 175 -12.91 8.18 -3.84
N VAL B 176 -13.12 7.75 -2.59
CA VAL B 176 -13.58 8.68 -1.57
C VAL B 176 -12.61 9.85 -1.45
N ASP B 177 -11.32 9.56 -1.40
CA ASP B 177 -10.33 10.61 -1.23
C ASP B 177 -10.34 11.58 -2.42
N LEU B 178 -10.49 11.05 -3.63
CA LEU B 178 -10.42 11.92 -4.80
C LEU B 178 -11.60 12.89 -4.88
N PHE B 179 -12.76 12.51 -4.36
CA PHE B 179 -13.93 13.38 -4.42
C PHE B 179 -14.12 14.18 -3.13
N ARG B 180 -13.29 13.95 -2.12
CA ARG B 180 -13.46 14.69 -0.86
C ARG B 180 -13.39 16.21 -1.03
N PRO B 181 -12.49 16.78 -1.83
CA PRO B 181 -12.53 18.25 -1.97
C PRO B 181 -13.89 18.76 -2.42
N LEU B 182 -14.63 17.95 -3.18
CA LEU B 182 -15.92 18.36 -3.70
C LEU B 182 -17.00 18.22 -2.63
N VAL B 183 -16.94 17.13 -1.87
CA VAL B 183 -17.97 16.81 -0.88
C VAL B 183 -17.89 17.70 0.36
N VAL B 184 -16.69 18.13 0.75
CA VAL B 184 -16.59 18.88 2.02
C VAL B 184 -17.15 20.29 1.89
N LYS B 185 -17.31 20.81 0.67
CA LYS B 185 -17.83 22.16 0.53
C LYS B 185 -19.15 22.29 1.28
N ASP B 186 -20.13 21.44 0.94
CA ASP B 186 -21.46 21.49 1.54
C ASP B 186 -21.78 20.34 2.46
N ASN B 187 -20.97 19.28 2.53
CA ASN B 187 -21.30 18.10 3.32
C ASN B 187 -20.07 17.59 4.09
N ARG B 188 -19.42 18.50 4.85
CA ARG B 188 -18.18 18.13 5.52
C ARG B 188 -18.42 17.02 6.54
N ALA B 189 -19.48 17.12 7.32
CA ALA B 189 -19.75 16.09 8.32
C ALA B 189 -19.90 14.72 7.68
N PHE B 190 -20.60 14.65 6.55
CA PHE B 190 -20.75 13.36 5.87
C PHE B 190 -19.42 12.85 5.37
N ALA B 191 -18.60 13.72 4.76
CA ALA B 191 -17.28 13.31 4.30
C ALA B 191 -16.44 12.78 5.45
N ASP B 192 -16.49 13.43 6.61
CA ASP B 192 -15.75 12.92 7.76
C ASP B 192 -16.32 11.59 8.24
N LYS B 193 -17.64 11.43 8.20
CA LYS B 193 -18.25 10.16 8.58
C LYS B 193 -17.77 9.02 7.67
N VAL B 194 -17.73 9.27 6.35
CA VAL B 194 -17.25 8.25 5.42
C VAL B 194 -15.83 7.84 5.78
N ASP B 195 -14.96 8.82 6.05
CA ASP B 195 -13.60 8.49 6.47
C ASP B 195 -13.61 7.62 7.72
N ALA B 196 -14.42 7.98 8.72
CA ALA B 196 -14.47 7.20 9.96
C ALA B 196 -14.98 5.77 9.70
N ASN B 197 -15.97 5.63 8.82
CA ASN B 197 -16.46 4.31 8.48
C ASN B 197 -15.38 3.44 7.82
N PHE B 198 -14.58 4.02 6.93
CA PHE B 198 -13.47 3.26 6.34
C PHE B 198 -12.43 2.91 7.39
N ASP B 199 -12.05 3.87 8.24
CA ASP B 199 -11.13 3.56 9.34
C ASP B 199 -11.65 2.38 10.16
N THR B 200 -12.95 2.36 10.47
CA THR B 200 -13.51 1.23 11.22
C THR B 200 -13.26 -0.09 10.50
N VAL B 201 -13.46 -0.12 9.18
CA VAL B 201 -13.30 -1.36 8.42
C VAL B 201 -11.82 -1.75 8.32
N PHE B 202 -10.93 -0.79 8.06
CA PHE B 202 -9.50 -1.12 8.05
C PHE B 202 -9.03 -1.62 9.41
N LYS B 203 -9.50 -0.99 10.50
CA LYS B 203 -9.15 -1.45 11.83
C LYS B 203 -9.73 -2.82 12.13
N THR B 204 -10.89 -3.15 11.57
CA THR B 204 -11.41 -4.51 11.71
C THR B 204 -10.48 -5.51 11.05
N LEU B 205 -10.11 -5.26 9.80
CA LEU B 205 -9.15 -6.14 9.14
C LEU B 205 -7.86 -6.25 9.94
N ALA B 206 -7.40 -5.14 10.52
CA ALA B 206 -6.10 -5.17 11.19
C ALA B 206 -6.07 -6.13 12.37
N LYS B 207 -7.25 -6.43 12.95
CA LYS B 207 -7.32 -7.45 14.00
C LYS B 207 -6.73 -8.79 13.55
N TYR B 208 -6.80 -9.08 12.25
CA TYR B 208 -6.39 -10.36 11.73
C TYR B 208 -4.99 -10.36 11.14
N ARG B 209 -4.24 -9.28 11.35
CA ARG B 209 -2.82 -9.30 10.99
C ARG B 209 -2.07 -10.28 11.88
N THR B 210 -0.97 -10.81 11.35
CA THR B 210 -0.17 -11.80 12.06
C THR B 210 1.08 -11.16 12.64
N ALA B 211 1.82 -11.95 13.43
CA ALA B 211 2.99 -11.43 14.12
C ALA B 211 3.99 -10.82 13.15
N ASP B 212 4.20 -11.47 12.02
CA ASP B 212 5.18 -10.98 11.07
C ASP B 212 4.60 -9.98 10.10
N GLY B 213 3.35 -9.56 10.32
CA GLY B 213 2.75 -8.50 9.54
C GLY B 213 1.90 -8.95 8.35
N GLY B 214 1.77 -10.26 8.10
CA GLY B 214 0.85 -10.77 7.11
C GLY B 214 -0.57 -10.86 7.64
N PHE B 215 -1.38 -11.69 7.00
CA PHE B 215 -2.79 -11.89 7.37
C PHE B 215 -3.03 -13.34 7.71
N GLU B 216 -3.93 -13.58 8.68
CA GLU B 216 -4.40 -14.93 8.94
C GLU B 216 -5.15 -15.50 7.72
N LEU B 217 -5.14 -16.83 7.61
CA LEU B 217 -6.01 -17.51 6.66
C LEU B 217 -7.46 -17.20 6.97
N TYR B 218 -8.30 -17.15 5.92
CA TYR B 218 -9.66 -16.65 6.12
C TYR B 218 -10.47 -17.53 7.05
N GLY B 219 -10.14 -18.83 7.14
CA GLY B 219 -10.81 -19.71 8.07
C GLY B 219 -10.71 -19.29 9.52
N LYS B 220 -9.80 -18.36 9.84
CA LYS B 220 -9.68 -17.91 11.22
C LYS B 220 -10.75 -16.92 11.62
N LEU B 221 -11.48 -16.32 10.68
CA LEU B 221 -12.57 -15.42 11.04
C LEU B 221 -13.79 -16.25 11.42
N SER B 222 -14.27 -16.06 12.65
CA SER B 222 -15.46 -16.77 13.11
C SER B 222 -16.69 -16.32 12.34
N GLU B 223 -17.78 -17.07 12.50
CA GLU B 223 -19.04 -16.67 11.89
C GLU B 223 -19.45 -15.28 12.39
N ARG B 224 -19.44 -15.10 13.71
CA ARG B 224 -19.57 -13.76 14.27
C ARG B 224 -18.67 -12.70 13.65
N ASP B 225 -17.38 -13.01 13.53
CA ASP B 225 -16.46 -12.06 12.92
C ASP B 225 -16.93 -11.68 11.51
N ARG B 226 -17.35 -12.66 10.72
CA ARG B 226 -17.78 -12.39 9.35
C ARG B 226 -19.06 -11.57 9.31
N LYS B 227 -20.02 -11.89 10.18
CA LYS B 227 -21.27 -11.13 10.18
C LYS B 227 -21.03 -9.67 10.52
N VAL B 228 -20.17 -9.42 11.51
CA VAL B 228 -19.86 -8.05 11.93
C VAL B 228 -19.11 -7.32 10.82
N LEU B 229 -18.13 -7.97 10.19
CA LEU B 229 -17.45 -7.33 9.07
C LEU B 229 -18.41 -6.99 7.94
N ALA B 230 -19.31 -7.93 7.58
CA ALA B 230 -20.27 -7.65 6.50
C ALA B 230 -21.13 -6.44 6.83
N GLY B 231 -21.57 -6.33 8.09
CA GLY B 231 -22.31 -5.14 8.48
C GLY B 231 -21.53 -3.85 8.27
N ARG B 232 -20.26 -3.82 8.69
CA ARG B 232 -19.47 -2.60 8.55
C ARG B 232 -19.16 -2.26 7.10
N VAL B 233 -19.02 -3.28 6.24
CA VAL B 233 -18.79 -3.06 4.82
C VAL B 233 -20.05 -2.52 4.14
N ASN B 234 -21.22 -3.02 4.53
CA ASN B 234 -22.48 -2.44 4.07
C ASN B 234 -22.54 -0.93 4.30
N THR B 235 -22.05 -0.46 5.45
CA THR B 235 -22.02 0.99 5.68
C THR B 235 -21.20 1.69 4.60
N LEU B 236 -20.08 1.08 4.17
CA LEU B 236 -19.29 1.69 3.09
C LEU B 236 -20.08 1.73 1.79
N ALA B 237 -20.81 0.65 1.48
CA ALA B 237 -21.58 0.66 0.24
C ALA B 237 -22.60 1.81 0.27
N GLU B 238 -23.28 1.93 1.37
CA GLU B 238 -24.25 2.98 1.54
C GLU B 238 -23.65 4.40 1.56
N ASP B 239 -22.43 4.53 2.07
CA ASP B 239 -21.69 5.80 2.00
C ASP B 239 -21.41 6.18 0.57
N LEU B 240 -20.89 5.22 -0.22
CA LEU B 240 -20.56 5.51 -1.62
C LEU B 240 -21.81 5.80 -2.44
N SER B 241 -22.91 5.10 -2.16
CA SER B 241 -24.14 5.41 -2.89
C SER B 241 -24.63 6.82 -2.56
N LYS B 242 -24.63 7.18 -1.28
CA LYS B 242 -25.03 8.53 -0.92
C LYS B 242 -24.12 9.58 -1.54
N MET B 243 -22.80 9.31 -1.57
CA MET B 243 -21.85 10.18 -2.25
C MET B 243 -22.22 10.44 -3.70
N ARG B 244 -22.57 9.38 -4.44
CA ARG B 244 -22.99 9.56 -5.82
C ARG B 244 -24.04 10.66 -5.90
N GLY B 245 -25.07 10.58 -5.06
CA GLY B 245 -26.13 11.56 -5.10
C GLY B 245 -25.65 12.95 -4.74
N LEU B 246 -24.78 13.05 -3.72
CA LEU B 246 -24.28 14.34 -3.30
C LEU B 246 -23.40 15.00 -4.35
N LEU B 247 -22.82 14.21 -5.25
CA LEU B 247 -21.99 14.74 -6.32
C LEU B 247 -22.81 15.19 -7.51
N GLY B 248 -24.13 15.14 -7.41
CA GLY B 248 -25.00 15.50 -8.51
C GLY B 248 -25.10 14.46 -9.60
N LEU B 249 -24.69 13.22 -9.34
CA LEU B 249 -24.63 12.24 -10.41
C LEU B 249 -25.91 11.46 -10.59
N ASP B 250 -26.98 11.77 -9.85
CA ASP B 250 -28.24 11.10 -10.12
C ASP B 250 -29.02 11.80 -11.24
N LEU B 251 -28.45 12.87 -11.79
CA LEU B 251 -28.89 13.63 -12.96
C LEU B 251 -30.38 13.96 -12.93
#